data_3TUL
#
_entry.id   3TUL
#
_cell.length_a   159.154
_cell.length_b   51.144
_cell.length_c   84.646
_cell.angle_alpha   90.00
_cell.angle_beta   90.00
_cell.angle_gamma   90.00
#
_symmetry.space_group_name_H-M   'P 21 2 21'
#
loop_
_entity.id
_entity.type
_entity.pdbx_description
1 polymer 'Cell invasion protein sipB'
2 water water
#
_entity_poly.entity_id   1
_entity_poly.type   'polypeptide(L)'
_entity_poly.pdbx_seq_one_letter_code
;GSEGQLTLLLGKL(MSE)TLLGDVSLSQLESRLAVWQA(MSE)IESQKE(MSE)GIQVSKEFQTALGEAQEATDLYEASI
KKTDTAKSVYDAATKKLTQAQNKLQSLDPADPGYAQAEAAVEQAGKEATEAKEALDKATDATVKAGTDAKAKAEKADNIL
TKFQGTANAA
;
_entity_poly.pdbx_strand_id   A,B,C,D
#
# COMPACT_ATOMS: atom_id res chain seq x y z
N GLU A 3 23.71 -2.09 -5.87
CA GLU A 3 22.38 -2.42 -6.35
C GLU A 3 21.30 -1.95 -5.38
N GLY A 4 21.13 -0.63 -5.33
CA GLY A 4 20.06 0.01 -4.58
C GLY A 4 18.94 0.24 -5.57
N GLN A 5 18.30 -0.86 -5.97
CA GLN A 5 17.09 -0.82 -6.78
C GLN A 5 15.87 -0.74 -5.84
N LEU A 6 16.10 -0.25 -4.63
CA LEU A 6 15.02 0.23 -3.79
C LEU A 6 14.42 1.46 -4.47
N THR A 7 15.13 1.95 -5.50
CA THR A 7 14.69 3.08 -6.32
C THR A 7 13.46 2.71 -7.13
N LEU A 8 13.45 1.46 -7.60
CA LEU A 8 12.33 0.93 -8.35
C LEU A 8 11.22 0.54 -7.39
N LEU A 9 11.59 0.10 -6.20
CA LEU A 9 10.61 -0.25 -5.19
C LEU A 9 9.86 0.99 -4.74
N LEU A 10 10.63 2.04 -4.43
CA LEU A 10 10.10 3.35 -4.07
C LEU A 10 9.13 3.93 -5.10
N GLY A 11 9.53 3.91 -6.37
CA GLY A 11 8.70 4.36 -7.47
C GLY A 11 7.37 3.64 -7.44
N LYS A 12 7.43 2.39 -6.98
CA LYS A 12 6.23 1.61 -6.85
C LYS A 12 5.41 2.00 -5.62
N LEU A 13 6.08 2.42 -4.55
CA LEU A 13 5.39 2.81 -3.31
C LEU A 13 4.68 4.14 -3.50
N MSE A 14 5.30 5.02 -4.27
CA MSE A 14 4.73 6.31 -4.62
C MSE A 14 3.41 6.20 -5.40
O MSE A 14 2.52 7.05 -5.25
CB MSE A 14 5.75 7.12 -5.44
CG MSE A 14 7.02 7.47 -4.70
SE MSE A 14 6.76 8.84 -3.32
CE MSE A 14 6.24 10.41 -4.42
N THR A 15 3.33 5.17 -6.23
CA THR A 15 2.15 4.89 -7.02
C THR A 15 1.02 4.40 -6.11
N LEU A 16 1.40 3.65 -5.09
CA LEU A 16 0.47 3.05 -4.16
C LEU A 16 -0.07 4.12 -3.19
N LEU A 17 0.85 4.92 -2.68
CA LEU A 17 0.55 6.05 -1.86
C LEU A 17 -0.43 6.94 -2.59
N GLY A 18 -0.17 7.19 -3.87
CA GLY A 18 -1.09 7.94 -4.72
C GLY A 18 -2.49 7.31 -4.88
N ASP A 19 -2.56 5.98 -4.90
CA ASP A 19 -3.79 5.27 -5.17
C ASP A 19 -4.58 5.04 -3.89
N VAL A 20 -3.88 4.72 -2.81
CA VAL A 20 -4.54 4.29 -1.59
C VAL A 20 -4.66 5.41 -0.54
N SER A 21 -3.69 6.32 -0.53
CA SER A 21 -3.73 7.44 0.40
C SER A 21 -4.41 8.65 -0.23
N LEU A 22 -3.73 9.26 -1.20
CA LEU A 22 -4.13 10.52 -1.81
C LEU A 22 -5.45 10.43 -2.57
N SER A 23 -5.69 9.27 -3.17
CA SER A 23 -6.83 9.04 -4.04
C SER A 23 -8.14 8.90 -3.26
N GLN A 24 -8.08 8.22 -2.12
CA GLN A 24 -9.25 8.04 -1.27
C GLN A 24 -9.60 9.33 -0.55
N LEU A 25 -8.57 10.07 -0.15
CA LEU A 25 -8.74 11.34 0.52
C LEU A 25 -9.43 12.33 -0.41
N GLU A 26 -8.84 12.51 -1.60
CA GLU A 26 -9.39 13.43 -2.59
C GLU A 26 -10.82 13.05 -2.93
N SER A 27 -11.10 11.76 -2.92
CA SER A 27 -12.45 11.25 -3.21
C SER A 27 -13.44 11.55 -2.09
N ARG A 28 -13.13 11.09 -0.88
CA ARG A 28 -13.93 11.41 0.31
C ARG A 28 -14.46 12.85 0.29
N LEU A 29 -13.52 13.79 0.07
CA LEU A 29 -13.81 15.21 0.01
C LEU A 29 -14.61 15.63 -1.23
N ALA A 30 -14.61 14.80 -2.26
CA ALA A 30 -15.30 15.15 -3.49
C ALA A 30 -16.77 14.79 -3.32
N VAL A 31 -17.01 13.77 -2.49
CA VAL A 31 -18.34 13.35 -2.07
C VAL A 31 -19.01 14.50 -1.37
N TRP A 32 -18.27 15.13 -0.46
CA TRP A 32 -18.79 16.24 0.33
C TRP A 32 -19.10 17.48 -0.51
N GLN A 33 -18.21 17.80 -1.44
CA GLN A 33 -18.40 18.94 -2.33
C GLN A 33 -19.63 18.75 -3.24
N ALA A 34 -19.88 17.50 -3.67
CA ALA A 34 -21.02 17.17 -4.56
C ALA A 34 -22.36 17.08 -3.83
N MSE A 35 -22.30 16.75 -2.54
CA MSE A 35 -23.48 16.77 -1.68
C MSE A 35 -23.71 18.19 -1.19
O MSE A 35 -24.85 18.57 -0.84
CB MSE A 35 -23.30 15.85 -0.48
CG MSE A 35 -24.46 15.88 0.49
SE MSE A 35 -24.00 15.19 2.22
CE MSE A 35 -23.89 13.28 1.78
N ILE A 36 -22.65 18.99 -1.18
CA ILE A 36 -22.76 20.41 -0.88
C ILE A 36 -23.47 21.10 -2.04
N GLU A 37 -23.01 20.82 -3.25
CA GLU A 37 -23.65 21.36 -4.45
C GLU A 37 -25.02 20.77 -4.80
N SER A 38 -25.22 19.47 -4.59
CA SER A 38 -26.50 18.86 -4.94
C SER A 38 -27.58 19.36 -4.01
N GLN A 39 -27.20 19.62 -2.76
CA GLN A 39 -28.12 20.17 -1.77
C GLN A 39 -28.20 21.70 -1.83
N LYS A 40 -27.06 22.37 -2.05
CA LYS A 40 -27.07 23.83 -2.26
C LYS A 40 -27.91 24.23 -3.46
N GLU A 41 -28.47 23.23 -4.16
CA GLU A 41 -29.35 23.50 -5.28
C GLU A 41 -30.82 23.28 -4.92
N MSE A 42 -31.06 22.34 -4.01
CA MSE A 42 -32.40 22.10 -3.51
C MSE A 42 -32.76 23.17 -2.47
O MSE A 42 -33.83 23.14 -1.88
CB MSE A 42 -32.54 20.69 -2.96
CG MSE A 42 -32.79 19.65 -4.04
SE MSE A 42 -32.81 17.78 -3.46
CE MSE A 42 -34.37 17.83 -2.31
N GLY A 43 -31.83 24.11 -2.27
CA GLY A 43 -32.04 25.23 -1.37
C GLY A 43 -31.79 24.94 0.10
N ILE A 44 -30.97 23.92 0.39
CA ILE A 44 -30.60 23.58 1.77
C ILE A 44 -29.35 24.33 2.24
N SER A 47 -25.18 24.63 4.31
CA SER A 47 -23.83 24.31 4.87
C SER A 47 -23.32 25.59 5.55
N LYS A 48 -22.70 25.46 6.74
CA LYS A 48 -22.22 26.62 7.53
C LYS A 48 -20.74 26.57 7.92
N GLU A 49 -20.49 26.18 9.17
CA GLU A 49 -19.13 26.05 9.68
C GLU A 49 -18.52 24.76 9.15
N PHE A 50 -19.37 23.96 8.52
CA PHE A 50 -18.95 22.75 7.87
C PHE A 50 -18.00 23.05 6.70
N GLN A 51 -18.34 24.08 5.93
CA GLN A 51 -17.56 24.48 4.76
C GLN A 51 -16.23 25.11 5.17
N THR A 52 -16.01 25.28 6.47
CA THR A 52 -14.69 25.72 6.93
C THR A 52 -13.83 24.49 7.19
N ALA A 53 -14.43 23.49 7.83
CA ALA A 53 -13.78 22.21 8.07
C ALA A 53 -13.35 21.57 6.76
N LEU A 54 -14.20 21.71 5.75
CA LEU A 54 -14.00 21.12 4.44
C LEU A 54 -13.04 21.97 3.60
N GLY A 55 -13.13 23.29 3.76
CA GLY A 55 -12.22 24.16 3.06
C GLY A 55 -10.81 23.79 3.44
N GLU A 56 -10.59 23.68 4.75
CA GLU A 56 -9.26 23.47 5.28
C GLU A 56 -8.63 22.14 4.84
N ALA A 57 -9.47 21.11 4.73
CA ALA A 57 -9.05 19.76 4.38
C ALA A 57 -8.73 19.61 2.91
N GLN A 58 -9.51 20.24 2.05
CA GLN A 58 -9.26 20.14 0.62
C GLN A 58 -8.09 21.04 0.23
N GLU A 59 -7.59 21.81 1.19
CA GLU A 59 -6.36 22.58 0.99
C GLU A 59 -5.14 21.76 1.39
N ALA A 60 -5.31 20.91 2.42
CA ALA A 60 -4.23 20.08 2.94
C ALA A 60 -3.99 18.92 1.98
N THR A 61 -5.09 18.39 1.48
CA THR A 61 -5.11 17.36 0.48
C THR A 61 -4.56 17.90 -0.84
N ASP A 62 -4.65 19.20 -1.06
CA ASP A 62 -4.22 19.79 -2.32
C ASP A 62 -2.76 20.11 -2.19
N LEU A 63 -2.34 20.41 -0.96
CA LEU A 63 -0.93 20.65 -0.63
C LEU A 63 -0.16 19.32 -0.64
N TYR A 64 -0.95 18.26 -0.60
CA TYR A 64 -0.47 16.88 -0.52
C TYR A 64 -0.42 16.25 -1.91
N GLU A 65 -1.21 16.77 -2.86
CA GLU A 65 -1.03 16.43 -4.27
C GLU A 65 0.36 16.90 -4.60
N ALA A 66 0.53 18.20 -4.39
CA ALA A 66 1.73 18.94 -4.72
C ALA A 66 2.98 18.30 -4.15
N SER A 67 2.91 17.94 -2.86
CA SER A 67 4.04 17.44 -2.10
C SER A 67 4.61 16.12 -2.61
N ILE A 68 3.70 15.21 -2.95
CA ILE A 68 4.05 13.94 -3.56
C ILE A 68 4.73 14.17 -4.91
N LYS A 69 4.16 15.04 -5.73
CA LYS A 69 4.78 15.46 -6.96
C LYS A 69 6.15 16.11 -6.71
N LYS A 70 6.34 16.72 -5.54
CA LYS A 70 7.63 17.35 -5.21
C LYS A 70 8.72 16.33 -4.84
N THR A 71 8.32 15.25 -4.16
CA THR A 71 9.23 14.14 -3.82
C THR A 71 9.48 13.20 -5.03
N ASP A 72 8.54 13.19 -5.97
CA ASP A 72 8.67 12.38 -7.18
C ASP A 72 9.63 13.05 -8.16
N THR A 73 9.64 14.38 -8.21
CA THR A 73 10.66 15.09 -8.98
C THR A 73 12.02 14.85 -8.32
N ALA A 74 12.05 14.99 -7.00
CA ALA A 74 13.28 14.93 -6.23
C ALA A 74 14.01 13.60 -6.39
N LYS A 75 13.24 12.53 -6.57
CA LYS A 75 13.75 11.21 -6.83
C LYS A 75 14.25 11.02 -8.27
N SER A 76 13.58 11.64 -9.24
CA SER A 76 14.08 11.61 -10.61
C SER A 76 15.42 12.32 -10.63
N VAL A 77 15.46 13.45 -9.94
CA VAL A 77 16.66 14.24 -9.71
C VAL A 77 17.76 13.38 -9.10
N TYR A 78 17.37 12.58 -8.11
CA TYR A 78 18.26 11.62 -7.45
C TYR A 78 18.65 10.39 -8.30
N ASP A 79 17.74 9.85 -9.10
CA ASP A 79 18.08 8.70 -9.94
C ASP A 79 19.11 9.04 -11.02
N ALA A 80 19.05 10.26 -11.53
CA ALA A 80 20.06 10.74 -12.47
C ALA A 80 21.43 10.84 -11.77
N ALA A 81 21.41 11.31 -10.52
CA ALA A 81 22.62 11.39 -9.72
C ALA A 81 23.29 10.03 -9.45
N THR A 82 22.49 9.00 -9.23
CA THR A 82 22.98 7.67 -8.88
C THR A 82 23.50 6.90 -10.10
N LYS A 83 22.84 7.12 -11.24
CA LYS A 83 23.26 6.50 -12.49
C LYS A 83 24.43 7.26 -13.08
N LYS A 84 24.50 8.55 -12.78
CA LYS A 84 25.65 9.39 -13.10
C LYS A 84 26.93 8.86 -12.43
N LEU A 85 26.78 8.46 -11.16
CA LEU A 85 27.90 7.95 -10.38
C LEU A 85 28.29 6.52 -10.78
N THR A 86 27.36 5.77 -11.36
CA THR A 86 27.71 4.41 -11.79
C THR A 86 28.40 4.42 -13.13
N GLN A 87 28.14 5.46 -13.93
CA GLN A 87 28.91 5.62 -15.16
C GLN A 87 30.36 5.95 -14.82
N ALA A 88 30.55 7.02 -14.05
CA ALA A 88 31.88 7.45 -13.62
C ALA A 88 32.60 6.39 -12.80
N GLN A 89 31.88 5.79 -11.85
CA GLN A 89 32.43 4.72 -11.00
C GLN A 89 32.95 3.60 -11.89
N ASN A 90 32.12 3.19 -12.86
CA ASN A 90 32.45 2.12 -13.78
C ASN A 90 33.73 2.34 -14.62
N LYS A 91 33.73 3.38 -15.44
CA LYS A 91 34.83 3.63 -16.36
C LYS A 91 36.14 4.08 -15.67
N LEU A 92 36.11 4.20 -14.35
CA LEU A 92 37.33 4.52 -13.61
C LEU A 92 38.24 3.31 -13.41
N GLN A 93 37.69 2.18 -12.99
CA GLN A 93 38.48 0.95 -12.89
C GLN A 93 38.47 0.22 -14.22
N SER A 94 38.28 0.99 -15.29
CA SER A 94 38.53 0.50 -16.63
C SER A 94 40.01 0.71 -16.95
N LEU A 95 40.72 1.31 -16.00
CA LEU A 95 42.16 1.60 -16.15
C LEU A 95 43.00 0.73 -15.21
N ALA A 103 43.55 10.08 -12.57
CA ALA A 103 43.40 11.23 -11.68
C ALA A 103 42.15 12.05 -11.96
N GLN A 104 41.78 12.15 -13.25
CA GLN A 104 40.58 12.86 -13.70
C GLN A 104 39.34 11.98 -13.51
N ALA A 105 39.51 10.70 -13.79
CA ALA A 105 38.47 9.72 -13.58
C ALA A 105 38.21 9.65 -12.08
N GLU A 106 39.27 9.80 -11.30
CA GLU A 106 39.17 9.70 -9.87
C GLU A 106 38.37 10.87 -9.33
N ALA A 107 38.43 12.00 -10.02
CA ALA A 107 37.70 13.19 -9.57
C ALA A 107 36.19 13.07 -9.87
N ALA A 108 35.87 12.66 -11.09
CA ALA A 108 34.48 12.48 -11.48
C ALA A 108 33.70 11.67 -10.42
N VAL A 109 34.33 10.63 -9.89
CA VAL A 109 33.72 9.71 -8.93
C VAL A 109 33.49 10.41 -7.60
N GLU A 110 34.44 11.26 -7.20
CA GLU A 110 34.28 12.05 -6.00
C GLU A 110 33.13 13.04 -6.17
N GLN A 111 33.02 13.62 -7.36
CA GLN A 111 31.99 14.62 -7.61
C GLN A 111 30.62 14.04 -8.01
N ALA A 112 30.61 12.92 -8.71
CA ALA A 112 29.35 12.21 -8.91
C ALA A 112 28.84 11.78 -7.54
N GLY A 113 29.77 11.42 -6.67
CA GLY A 113 29.47 10.95 -5.33
C GLY A 113 28.85 12.07 -4.50
N LYS A 114 29.47 13.24 -4.52
CA LYS A 114 28.95 14.39 -3.80
C LYS A 114 27.58 14.80 -4.33
N GLU A 115 27.43 14.87 -5.65
CA GLU A 115 26.14 15.16 -6.27
C GLU A 115 25.06 14.22 -5.76
N ALA A 116 25.44 12.97 -5.53
CA ALA A 116 24.49 11.92 -5.12
C ALA A 116 24.10 11.89 -3.62
N THR A 117 25.05 12.05 -2.70
CA THR A 117 24.66 12.12 -1.30
C THR A 117 23.77 13.34 -1.08
N GLU A 118 24.04 14.38 -1.86
CA GLU A 118 23.24 15.62 -1.85
C GLU A 118 21.81 15.39 -2.37
N ALA A 119 21.70 14.60 -3.43
CA ALA A 119 20.41 14.28 -4.02
C ALA A 119 19.55 13.50 -3.02
N LYS A 120 20.17 12.57 -2.32
CA LYS A 120 19.48 11.78 -1.31
C LYS A 120 19.00 12.68 -0.17
N GLU A 121 19.85 13.61 0.24
CA GLU A 121 19.51 14.55 1.29
C GLU A 121 18.25 15.32 0.92
N ALA A 122 18.18 15.77 -0.33
CA ALA A 122 17.01 16.49 -0.83
C ALA A 122 15.83 15.54 -0.96
N LEU A 123 16.12 14.30 -1.33
CA LEU A 123 15.09 13.27 -1.45
C LEU A 123 14.49 12.96 -0.09
N ASP A 124 15.35 12.69 0.88
CA ASP A 124 14.90 12.41 2.25
C ASP A 124 14.06 13.57 2.77
N LYS A 125 14.51 14.79 2.51
CA LYS A 125 13.78 15.98 2.92
C LYS A 125 12.33 16.04 2.36
N ALA A 126 12.19 15.84 1.06
CA ALA A 126 10.91 15.91 0.37
C ALA A 126 9.98 14.79 0.80
N THR A 127 10.54 13.72 1.34
CA THR A 127 9.75 12.62 1.90
C THR A 127 9.18 13.04 3.26
N ASP A 128 10.07 13.56 4.10
CA ASP A 128 9.68 14.02 5.42
C ASP A 128 8.57 15.02 5.29
N ALA A 129 8.69 15.89 4.28
CA ALA A 129 7.70 16.93 4.00
C ALA A 129 6.40 16.41 3.34
N THR A 130 6.48 15.20 2.80
CA THR A 130 5.33 14.46 2.28
C THR A 130 4.65 13.70 3.41
N VAL A 131 5.42 12.97 4.20
CA VAL A 131 4.98 12.46 5.50
C VAL A 131 4.17 13.52 6.26
N LYS A 132 4.76 14.71 6.38
CA LYS A 132 4.11 15.84 7.04
C LYS A 132 2.74 16.24 6.47
N ALA A 133 2.71 16.60 5.18
CA ALA A 133 1.49 17.01 4.46
C ALA A 133 0.31 16.00 4.51
N GLY A 134 0.60 14.73 4.28
CA GLY A 134 -0.40 13.69 4.34
C GLY A 134 -0.92 13.40 5.74
N THR A 135 -0.04 13.43 6.73
CA THR A 135 -0.45 13.28 8.12
C THR A 135 -1.53 14.29 8.49
N ASP A 136 -1.41 15.50 7.96
CA ASP A 136 -2.36 16.54 8.34
C ASP A 136 -3.66 16.45 7.51
N ALA A 137 -3.50 16.22 6.20
CA ALA A 137 -4.63 16.04 5.32
C ALA A 137 -5.54 14.92 5.79
N LYS A 138 -4.93 13.88 6.37
CA LYS A 138 -5.65 12.74 6.93
C LYS A 138 -6.55 13.27 8.05
N ALA A 139 -5.91 14.12 8.88
CA ALA A 139 -6.46 14.77 10.08
C ALA A 139 -7.55 15.81 9.82
N LYS A 140 -7.28 16.78 8.96
CA LYS A 140 -8.30 17.77 8.63
C LYS A 140 -9.54 17.16 7.97
N ALA A 141 -9.36 15.99 7.35
CA ALA A 141 -10.44 15.25 6.68
C ALA A 141 -11.23 14.38 7.65
N GLU A 142 -10.58 13.95 8.74
CA GLU A 142 -11.27 13.27 9.85
C GLU A 142 -11.98 14.29 10.73
N LYS A 143 -11.45 15.50 10.80
CA LYS A 143 -12.12 16.54 11.56
C LYS A 143 -13.43 16.97 10.94
N ALA A 144 -13.85 16.34 9.84
CA ALA A 144 -15.14 16.61 9.25
C ALA A 144 -16.20 15.74 9.91
N ASP A 145 -16.03 15.54 11.22
CA ASP A 145 -17.05 14.94 12.10
C ASP A 145 -18.05 16.01 12.56
N ASN A 146 -18.19 17.06 11.76
CA ASN A 146 -19.23 18.05 11.99
C ASN A 146 -20.63 17.49 12.17
N ILE A 147 -21.40 18.06 13.09
CA ILE A 147 -22.80 17.68 13.28
C ILE A 147 -23.76 18.61 12.54
N GLY B 4 22.12 -9.32 2.11
CA GLY B 4 21.01 -8.36 2.04
C GLY B 4 20.26 -8.35 0.71
N GLN B 5 19.45 -9.39 0.47
CA GLN B 5 18.73 -9.61 -0.78
C GLN B 5 17.24 -9.67 -0.51
N LEU B 6 16.84 -9.05 0.59
CA LEU B 6 15.45 -8.97 0.96
C LEU B 6 14.70 -8.00 0.05
N THR B 7 15.44 -7.23 -0.75
CA THR B 7 14.84 -6.35 -1.75
C THR B 7 14.18 -7.09 -2.94
N LEU B 8 14.44 -8.38 -3.06
CA LEU B 8 13.73 -9.18 -4.06
C LEU B 8 12.40 -9.59 -3.46
N LEU B 9 12.48 -10.07 -2.22
CA LEU B 9 11.30 -10.31 -1.40
C LEU B 9 10.38 -9.10 -1.47
N LEU B 10 10.97 -7.91 -1.56
CA LEU B 10 10.20 -6.67 -1.58
C LEU B 10 9.60 -6.32 -2.94
N GLY B 11 10.39 -6.47 -4.00
CA GLY B 11 9.87 -6.25 -5.35
C GLY B 11 8.72 -7.19 -5.68
N LYS B 12 8.84 -8.42 -5.20
CA LYS B 12 7.89 -9.48 -5.48
C LYS B 12 6.54 -9.29 -4.77
N LEU B 13 6.51 -8.57 -3.67
CA LEU B 13 5.28 -8.42 -2.96
C LEU B 13 4.55 -7.12 -3.32
N MSE B 14 5.27 -6.16 -3.89
CA MSE B 14 4.65 -4.98 -4.50
C MSE B 14 3.78 -5.41 -5.66
O MSE B 14 2.83 -4.70 -6.04
CB MSE B 14 5.72 -4.04 -5.07
CG MSE B 14 6.33 -3.11 -4.07
SE MSE B 14 4.96 -2.10 -3.14
CE MSE B 14 4.95 -0.48 -4.15
N THR B 15 4.17 -6.53 -6.25
CA THR B 15 3.40 -7.20 -7.29
C THR B 15 1.94 -7.38 -6.85
N LEU B 16 1.73 -7.63 -5.57
CA LEU B 16 0.40 -8.02 -5.10
C LEU B 16 -0.49 -6.84 -4.74
N LEU B 17 0.02 -5.61 -4.87
CA LEU B 17 -0.73 -4.41 -4.52
C LEU B 17 -0.98 -3.41 -5.66
N GLY B 18 -1.01 -3.87 -6.92
CA GLY B 18 -1.27 -2.98 -8.05
C GLY B 18 -2.60 -2.23 -8.27
N ASP B 19 -3.67 -2.95 -8.47
CA ASP B 19 -4.88 -2.33 -9.03
C ASP B 19 -5.96 -2.16 -7.97
N VAL B 20 -5.55 -1.65 -6.81
CA VAL B 20 -6.41 -1.63 -5.66
C VAL B 20 -7.75 -0.97 -5.96
N SER B 21 -7.69 0.30 -6.37
CA SER B 21 -8.88 1.07 -6.62
C SER B 21 -9.72 0.38 -7.67
N LEU B 22 -9.06 -0.08 -8.74
CA LEU B 22 -9.74 -0.72 -9.86
C LEU B 22 -10.53 -2.01 -9.52
N SER B 23 -10.00 -2.86 -8.64
CA SER B 23 -10.71 -4.07 -8.22
C SER B 23 -11.95 -3.65 -7.47
N GLN B 24 -11.79 -2.63 -6.64
CA GLN B 24 -12.87 -2.09 -5.83
C GLN B 24 -14.02 -1.72 -6.75
N LEU B 25 -13.78 -0.81 -7.68
CA LEU B 25 -14.81 -0.38 -8.62
C LEU B 25 -15.44 -1.60 -9.29
N GLU B 26 -14.65 -2.31 -10.08
CA GLU B 26 -15.11 -3.53 -10.73
C GLU B 26 -15.97 -4.43 -9.85
N SER B 27 -15.58 -4.61 -8.59
CA SER B 27 -16.34 -5.43 -7.67
C SER B 27 -17.68 -4.77 -7.30
N ARG B 28 -17.66 -3.48 -6.97
CA ARG B 28 -18.91 -2.80 -6.64
C ARG B 28 -19.92 -2.75 -7.81
N LEU B 29 -19.42 -2.68 -9.05
CA LEU B 29 -20.26 -2.72 -10.24
C LEU B 29 -20.87 -4.11 -10.42
N ALA B 30 -20.15 -5.09 -9.89
CA ALA B 30 -20.52 -6.50 -9.96
C ALA B 30 -21.60 -6.82 -8.96
N VAL B 31 -21.47 -6.20 -7.78
CA VAL B 31 -22.37 -6.35 -6.65
C VAL B 31 -23.69 -5.68 -6.91
N TRP B 32 -23.68 -4.62 -7.71
CA TRP B 32 -24.93 -3.93 -8.07
C TRP B 32 -25.64 -4.67 -9.16
N GLN B 33 -24.90 -5.22 -10.11
CA GLN B 33 -25.52 -6.02 -11.16
C GLN B 33 -26.02 -7.33 -10.56
N ALA B 34 -25.69 -7.59 -9.30
CA ALA B 34 -26.21 -8.79 -8.62
C ALA B 34 -27.48 -8.50 -7.84
N MSE B 35 -27.67 -7.23 -7.47
CA MSE B 35 -28.86 -6.80 -6.73
C MSE B 35 -29.91 -6.27 -7.70
O MSE B 35 -31.06 -6.08 -7.32
CB MSE B 35 -28.51 -5.73 -5.69
CG MSE B 35 -28.27 -4.35 -6.32
SE MSE B 35 -28.19 -2.87 -5.07
CE MSE B 35 -30.04 -2.88 -4.46
N ILE B 36 -29.49 -6.01 -8.94
CA ILE B 36 -30.40 -5.51 -9.98
C ILE B 36 -31.07 -6.70 -10.62
N GLU B 37 -30.35 -7.82 -10.64
CA GLU B 37 -30.87 -9.04 -11.23
C GLU B 37 -31.71 -9.84 -10.21
N SER B 38 -31.41 -9.69 -8.93
CA SER B 38 -32.23 -10.33 -7.91
C SER B 38 -33.64 -9.71 -7.88
N GLN B 39 -33.79 -8.53 -8.49
CA GLN B 39 -35.07 -7.82 -8.52
C GLN B 39 -35.66 -7.70 -9.91
N LYS B 40 -34.91 -8.18 -10.89
CA LYS B 40 -35.43 -8.45 -12.21
C LYS B 40 -36.40 -9.63 -12.06
N GLU B 41 -36.03 -10.55 -11.17
CA GLU B 41 -36.83 -11.74 -10.89
C GLU B 41 -37.68 -11.59 -9.61
N MSE B 42 -38.09 -10.35 -9.34
CA MSE B 42 -39.09 -10.08 -8.32
C MSE B 42 -40.15 -9.07 -8.83
O MSE B 42 -41.23 -8.93 -8.23
CB MSE B 42 -38.45 -9.58 -7.01
CG MSE B 42 -37.95 -10.70 -6.10
SE MSE B 42 -38.20 -10.36 -4.19
CE MSE B 42 -36.83 -8.99 -3.87
N GLY B 43 -39.84 -8.39 -9.93
CA GLY B 43 -40.68 -7.34 -10.47
C GLY B 43 -39.98 -5.99 -10.51
N SER B 47 -35.20 -0.73 -11.50
CA SER B 47 -34.16 0.33 -11.53
C SER B 47 -34.69 1.62 -12.14
N LYS B 48 -34.13 2.75 -11.73
CA LYS B 48 -34.74 4.03 -11.99
C LYS B 48 -33.92 4.98 -12.89
N GLU B 49 -33.29 5.95 -12.24
CA GLU B 49 -32.30 6.87 -12.81
C GLU B 49 -30.93 6.31 -12.44
N PHE B 50 -30.97 5.25 -11.65
CA PHE B 50 -29.82 4.47 -11.24
C PHE B 50 -29.33 3.63 -12.43
N GLN B 51 -30.19 3.45 -13.42
CA GLN B 51 -29.82 2.81 -14.66
C GLN B 51 -28.75 3.64 -15.35
N THR B 52 -28.97 4.96 -15.41
CA THR B 52 -28.09 5.83 -16.19
C THR B 52 -26.77 6.15 -15.48
N ALA B 53 -26.85 6.37 -14.16
CA ALA B 53 -25.69 6.71 -13.34
C ALA B 53 -24.80 5.50 -13.01
N LEU B 54 -25.37 4.30 -13.08
CA LEU B 54 -24.60 3.07 -13.03
C LEU B 54 -23.86 2.85 -14.38
N GLY B 55 -24.56 3.10 -15.47
CA GLY B 55 -23.96 2.99 -16.78
C GLY B 55 -22.83 3.98 -16.95
N GLU B 56 -22.97 5.16 -16.32
CA GLU B 56 -21.98 6.21 -16.45
C GLU B 56 -20.70 5.91 -15.68
N ALA B 57 -20.87 5.18 -14.57
CA ALA B 57 -19.77 4.67 -13.78
C ALA B 57 -19.09 3.46 -14.45
N GLN B 58 -19.80 2.78 -15.35
CA GLN B 58 -19.25 1.59 -15.97
C GLN B 58 -18.46 1.94 -17.24
N GLU B 59 -18.74 3.10 -17.81
CA GLU B 59 -17.94 3.62 -18.90
C GLU B 59 -16.74 4.33 -18.31
N ALA B 60 -16.98 5.16 -17.31
CA ALA B 60 -15.92 5.82 -16.55
C ALA B 60 -14.88 4.80 -16.12
N THR B 61 -15.37 3.65 -15.65
CA THR B 61 -14.53 2.59 -15.11
C THR B 61 -13.76 1.80 -16.16
N ASP B 62 -14.41 1.49 -17.28
CA ASP B 62 -13.73 1.00 -18.47
C ASP B 62 -12.61 1.92 -18.90
N LEU B 63 -12.94 3.20 -19.13
CA LEU B 63 -11.97 4.22 -19.53
C LEU B 63 -10.75 4.30 -18.65
N TYR B 64 -10.88 3.83 -17.42
CA TYR B 64 -9.84 3.92 -16.42
C TYR B 64 -9.00 2.64 -16.44
N GLU B 65 -9.65 1.49 -16.63
CA GLU B 65 -8.95 0.24 -16.83
C GLU B 65 -8.17 0.29 -18.13
N ALA B 66 -8.72 0.99 -19.11
CA ALA B 66 -8.03 1.31 -20.33
C ALA B 66 -6.72 2.04 -20.08
N SER B 67 -6.79 3.13 -19.32
CA SER B 67 -5.61 3.96 -19.12
C SER B 67 -4.56 3.39 -18.16
N ILE B 68 -4.98 2.49 -17.26
CA ILE B 68 -4.00 1.76 -16.45
C ILE B 68 -3.06 1.00 -17.38
N LYS B 69 -3.63 0.17 -18.24
CA LYS B 69 -2.91 -0.55 -19.28
C LYS B 69 -2.14 0.34 -20.27
N LYS B 70 -2.63 1.55 -20.57
CA LYS B 70 -1.85 2.49 -21.39
C LYS B 70 -0.55 2.91 -20.65
N THR B 71 -0.66 3.09 -19.33
CA THR B 71 0.46 3.41 -18.45
C THR B 71 1.42 2.23 -18.29
N ASP B 72 0.86 1.05 -18.12
CA ASP B 72 1.66 -0.15 -17.98
C ASP B 72 2.54 -0.28 -19.18
N THR B 73 1.90 -0.14 -20.32
CA THR B 73 2.53 -0.17 -21.60
C THR B 73 3.57 0.94 -21.71
N ALA B 74 3.23 2.15 -21.27
CA ALA B 74 4.16 3.29 -21.37
C ALA B 74 5.41 3.19 -20.47
N LYS B 75 5.29 2.41 -19.41
CA LYS B 75 6.32 2.21 -18.41
C LYS B 75 7.20 1.06 -18.92
N SER B 76 6.52 0.05 -19.44
CA SER B 76 7.15 -1.02 -20.21
C SER B 76 8.13 -0.43 -21.23
N VAL B 77 7.61 0.47 -22.06
CA VAL B 77 8.38 1.15 -23.10
C VAL B 77 9.57 1.99 -22.55
N TYR B 78 9.29 2.79 -21.53
CA TYR B 78 10.31 3.59 -20.83
C TYR B 78 11.41 2.74 -20.20
N ASP B 79 11.06 1.60 -19.61
CA ASP B 79 12.10 0.71 -19.08
C ASP B 79 13.00 0.15 -20.19
N ALA B 80 12.39 -0.45 -21.20
CA ALA B 80 13.02 -0.76 -22.49
C ALA B 80 14.03 0.29 -22.96
N ALA B 81 13.62 1.56 -23.00
CA ALA B 81 14.45 2.67 -23.49
C ALA B 81 15.60 3.01 -22.60
N THR B 82 15.49 2.59 -21.35
CA THR B 82 16.50 2.82 -20.31
C THR B 82 17.56 1.74 -20.43
N LYS B 83 17.08 0.51 -20.54
CA LYS B 83 17.93 -0.63 -20.79
C LYS B 83 18.67 -0.44 -22.10
N LYS B 84 17.99 0.07 -23.11
CA LYS B 84 18.66 0.30 -24.37
C LYS B 84 19.76 1.36 -24.21
N LEU B 85 19.55 2.32 -23.32
CA LEU B 85 20.54 3.39 -23.16
C LEU B 85 21.70 3.00 -22.26
N THR B 86 21.58 1.91 -21.52
CA THR B 86 22.71 1.49 -20.71
C THR B 86 23.62 0.57 -21.51
N GLN B 87 23.02 -0.32 -22.30
CA GLN B 87 23.78 -1.16 -23.20
C GLN B 87 24.55 -0.34 -24.25
N ALA B 88 24.03 0.83 -24.60
CA ALA B 88 24.72 1.71 -25.54
C ALA B 88 26.00 2.25 -24.91
N GLN B 89 25.92 2.58 -23.63
CA GLN B 89 27.06 3.07 -22.84
C GLN B 89 28.07 1.97 -22.47
N ASN B 90 27.57 0.75 -22.26
CA ASN B 90 28.39 -0.43 -21.96
C ASN B 90 29.25 -0.79 -23.16
N LYS B 91 28.67 -0.61 -24.34
CA LYS B 91 29.42 -0.78 -25.57
C LYS B 91 30.50 0.28 -25.62
N LEU B 92 30.06 1.54 -25.54
CA LEU B 92 30.94 2.70 -25.55
C LEU B 92 32.25 2.46 -24.84
N GLN B 93 32.19 1.87 -23.65
CA GLN B 93 33.38 1.54 -22.88
C GLN B 93 34.53 1.13 -23.79
N ALA B 103 34.27 4.47 -32.51
CA ALA B 103 33.31 5.16 -31.65
C ALA B 103 32.19 5.80 -32.47
N GLN B 104 31.46 4.98 -33.21
CA GLN B 104 30.15 5.34 -33.77
C GLN B 104 29.11 5.00 -32.71
N ALA B 105 29.63 4.49 -31.60
CA ALA B 105 28.90 4.21 -30.38
C ALA B 105 28.56 5.54 -29.68
N GLU B 106 29.13 6.62 -30.19
CA GLU B 106 28.87 7.95 -29.70
C GLU B 106 27.55 8.45 -30.24
N ALA B 107 27.18 8.01 -31.43
CA ALA B 107 25.87 8.27 -32.00
C ALA B 107 24.82 7.55 -31.18
N ALA B 108 24.96 6.22 -31.11
CA ALA B 108 23.99 5.37 -30.42
C ALA B 108 23.68 5.83 -28.99
N VAL B 109 24.71 6.27 -28.24
CA VAL B 109 24.56 6.67 -26.84
C VAL B 109 23.88 8.02 -26.67
N GLU B 110 24.10 8.91 -27.64
CA GLU B 110 23.43 10.20 -27.62
C GLU B 110 22.01 10.08 -28.18
N GLN B 111 21.77 9.06 -29.00
CA GLN B 111 20.45 8.85 -29.59
C GLN B 111 19.54 7.99 -28.72
N ALA B 112 20.13 7.05 -27.97
CA ALA B 112 19.37 6.28 -26.98
C ALA B 112 18.95 7.22 -25.83
N GLY B 113 19.88 8.05 -25.38
CA GLY B 113 19.61 9.07 -24.38
C GLY B 113 18.35 9.86 -24.69
N LYS B 114 18.22 10.32 -25.94
CA LYS B 114 17.06 11.10 -26.35
C LYS B 114 15.78 10.29 -26.34
N GLU B 115 15.79 9.21 -27.10
CA GLU B 115 14.68 8.26 -27.12
C GLU B 115 14.19 7.83 -25.72
N ALA B 116 15.06 7.90 -24.72
CA ALA B 116 14.70 7.51 -23.34
C ALA B 116 14.00 8.63 -22.55
N THR B 117 14.42 9.87 -22.77
CA THR B 117 13.76 10.97 -22.08
C THR B 117 12.37 11.18 -22.69
N GLU B 118 12.18 10.70 -23.92
CA GLU B 118 10.88 10.81 -24.58
C GLU B 118 9.92 9.77 -24.04
N ALA B 119 10.44 8.59 -23.72
CA ALA B 119 9.57 7.55 -23.20
C ALA B 119 9.07 8.07 -21.84
N LYS B 120 9.96 8.72 -21.10
CA LYS B 120 9.65 9.38 -19.82
C LYS B 120 8.59 10.48 -19.94
N GLU B 121 8.78 11.42 -20.86
CA GLU B 121 7.77 12.45 -21.14
C GLU B 121 6.42 11.79 -21.37
N ALA B 122 6.43 10.79 -22.25
CA ALA B 122 5.22 10.08 -22.66
C ALA B 122 4.62 9.17 -21.59
N LEU B 123 5.42 8.76 -20.62
CA LEU B 123 4.94 7.94 -19.51
C LEU B 123 4.35 8.85 -18.45
N ASP B 124 5.05 9.96 -18.20
CA ASP B 124 4.63 10.98 -17.24
C ASP B 124 3.29 11.61 -17.61
N LYS B 125 2.93 11.57 -18.88
CA LYS B 125 1.65 12.11 -19.34
C LYS B 125 0.60 11.01 -19.45
N ALA B 126 1.06 9.76 -19.49
CA ALA B 126 0.15 8.63 -19.40
C ALA B 126 -0.27 8.37 -17.97
N THR B 127 0.61 8.61 -16.99
CA THR B 127 0.17 8.48 -15.59
C THR B 127 -0.85 9.57 -15.23
N ASP B 128 -0.61 10.78 -15.72
CA ASP B 128 -1.55 11.89 -15.57
C ASP B 128 -2.97 11.59 -16.08
N ALA B 129 -3.12 11.24 -17.34
CA ALA B 129 -4.45 10.87 -17.84
C ALA B 129 -5.06 9.66 -17.09
N THR B 130 -4.24 8.82 -16.47
CA THR B 130 -4.77 7.68 -15.69
C THR B 130 -5.44 8.18 -14.40
N VAL B 131 -4.78 9.14 -13.75
CA VAL B 131 -5.33 9.76 -12.54
C VAL B 131 -6.66 10.50 -12.80
N LYS B 132 -6.65 11.36 -13.80
CA LYS B 132 -7.83 12.04 -14.27
C LYS B 132 -9.01 11.06 -14.59
N ALA B 133 -8.70 9.94 -15.25
CA ALA B 133 -9.70 8.89 -15.44
C ALA B 133 -10.01 8.06 -14.18
N GLY B 134 -9.24 8.23 -13.10
CA GLY B 134 -9.56 7.61 -11.83
C GLY B 134 -10.61 8.42 -11.09
N THR B 135 -10.31 9.70 -10.96
CA THR B 135 -11.20 10.69 -10.41
C THR B 135 -12.62 10.56 -11.01
N ASP B 136 -12.72 10.54 -12.32
CA ASP B 136 -14.02 10.41 -12.92
C ASP B 136 -14.69 9.13 -12.46
N ALA B 137 -13.95 8.01 -12.58
CA ALA B 137 -14.54 6.70 -12.26
C ALA B 137 -15.07 6.57 -10.82
N LYS B 138 -14.37 7.18 -9.86
CA LYS B 138 -14.77 7.17 -8.47
C LYS B 138 -15.97 8.08 -8.22
N ALA B 139 -15.94 9.28 -8.77
CA ALA B 139 -17.05 10.20 -8.65
C ALA B 139 -18.35 9.51 -9.10
N LYS B 140 -18.35 8.93 -10.29
CA LYS B 140 -19.54 8.27 -10.86
C LYS B 140 -19.96 7.10 -9.97
N ALA B 141 -19.01 6.28 -9.59
CA ALA B 141 -19.22 5.18 -8.65
C ALA B 141 -20.06 5.59 -7.41
N GLU B 142 -19.69 6.74 -6.82
CA GLU B 142 -20.29 7.27 -5.60
C GLU B 142 -21.59 8.03 -5.85
N LYS B 143 -21.61 8.77 -6.94
CA LYS B 143 -22.85 9.36 -7.44
C LYS B 143 -23.99 8.33 -7.63
N ALA B 144 -23.66 7.11 -8.06
CA ALA B 144 -24.69 6.07 -8.16
C ALA B 144 -24.94 5.39 -6.81
N ASP B 145 -23.97 5.47 -5.92
CA ASP B 145 -24.08 4.90 -4.60
C ASP B 145 -25.05 5.79 -3.79
N ASN B 146 -24.95 7.09 -4.02
CA ASN B 146 -25.72 8.06 -3.28
C ASN B 146 -27.12 8.30 -3.82
N ILE B 147 -27.54 7.45 -4.75
CA ILE B 147 -28.89 7.47 -5.28
C ILE B 147 -29.82 6.61 -4.41
N LEU B 148 -30.95 7.18 -4.02
CA LEU B 148 -31.86 6.51 -3.08
C LEU B 148 -32.96 5.71 -3.77
N GLN C 5 20.51 4.94 2.99
CA GLN C 5 19.37 5.37 3.79
C GLN C 5 18.05 5.07 3.09
N LEU C 6 18.13 4.78 1.79
CA LEU C 6 16.95 4.48 1.00
C LEU C 6 15.93 3.68 1.80
N THR C 7 16.43 2.72 2.58
CA THR C 7 15.56 1.88 3.40
C THR C 7 14.66 2.73 4.29
N LEU C 8 15.28 3.46 5.21
CA LEU C 8 14.54 4.32 6.13
C LEU C 8 13.47 5.11 5.40
N LEU C 9 13.76 5.51 4.17
CA LEU C 9 12.82 6.29 3.35
C LEU C 9 11.48 5.60 3.02
N LEU C 10 11.55 4.35 2.56
CA LEU C 10 10.37 3.56 2.29
C LEU C 10 9.55 3.30 3.54
N GLY C 11 10.23 3.17 4.69
CA GLY C 11 9.53 2.99 5.95
C GLY C 11 8.58 4.15 6.24
N LYS C 12 9.14 5.36 6.20
CA LYS C 12 8.43 6.59 6.55
C LYS C 12 7.13 6.71 5.77
N LEU C 13 7.17 6.28 4.52
CA LEU C 13 6.05 6.40 3.62
C LEU C 13 4.97 5.43 3.99
N MSE C 14 5.34 4.22 4.36
CA MSE C 14 4.33 3.22 4.70
C MSE C 14 3.75 3.46 6.07
O MSE C 14 2.86 2.73 6.51
CB MSE C 14 4.91 1.83 4.65
CG MSE C 14 5.25 1.41 3.26
SE MSE C 14 6.04 -0.34 3.36
CE MSE C 14 4.42 -1.32 3.79
N THR C 15 4.28 4.46 6.77
CA THR C 15 3.61 4.99 7.93
C THR C 15 2.29 5.49 7.37
N LEU C 16 2.37 6.22 6.27
CA LEU C 16 1.24 6.99 5.76
C LEU C 16 0.09 6.13 5.25
N LEU C 17 0.25 4.81 5.30
CA LEU C 17 -0.68 3.89 4.65
C LEU C 17 -1.30 2.91 5.64
N GLY C 18 -1.10 3.16 6.93
CA GLY C 18 -1.54 2.25 7.97
C GLY C 18 -3.04 2.17 8.14
N ASP C 19 -3.70 3.33 8.19
CA ASP C 19 -5.08 3.38 8.68
C ASP C 19 -6.14 3.37 7.58
N VAL C 20 -5.80 2.76 6.45
CA VAL C 20 -6.68 2.71 5.30
C VAL C 20 -8.02 2.07 5.66
N SER C 21 -8.02 0.80 6.05
CA SER C 21 -9.26 0.09 6.37
C SER C 21 -10.17 0.86 7.35
N LEU C 22 -9.56 1.41 8.41
CA LEU C 22 -10.29 2.15 9.46
C LEU C 22 -10.94 3.43 8.99
N SER C 23 -10.18 4.34 8.43
CA SER C 23 -10.73 5.63 8.02
C SER C 23 -11.74 5.49 6.89
N GLN C 24 -11.58 4.44 6.08
CA GLN C 24 -12.60 4.04 5.10
C GLN C 24 -13.93 3.80 5.81
N LEU C 25 -13.97 2.83 6.71
CA LEU C 25 -15.16 2.57 7.54
C LEU C 25 -15.75 3.82 8.23
N GLU C 26 -14.91 4.52 8.99
CA GLU C 26 -15.25 5.77 9.64
C GLU C 26 -15.93 6.77 8.69
N SER C 27 -15.45 6.80 7.45
CA SER C 27 -15.92 7.76 6.44
C SER C 27 -17.30 7.44 5.83
N ARG C 28 -17.62 6.15 5.72
CA ARG C 28 -18.94 5.75 5.26
C ARG C 28 -19.97 5.94 6.37
N LEU C 29 -19.53 5.85 7.63
CA LEU C 29 -20.41 6.17 8.75
C LEU C 29 -20.75 7.65 8.74
N ALA C 30 -19.74 8.49 8.60
CA ALA C 30 -19.98 9.93 8.49
C ALA C 30 -20.97 10.24 7.34
N VAL C 31 -20.84 9.49 6.24
CA VAL C 31 -21.60 9.72 5.02
C VAL C 31 -23.03 9.19 5.10
N TRP C 32 -23.22 8.07 5.80
CA TRP C 32 -24.56 7.52 6.01
C TRP C 32 -25.31 8.38 7.00
N GLN C 33 -24.56 8.95 7.95
CA GLN C 33 -25.13 9.92 8.86
C GLN C 33 -25.56 11.15 8.06
N ALA C 34 -24.62 11.70 7.29
CA ALA C 34 -24.89 12.92 6.55
C ALA C 34 -26.19 12.84 5.74
N MSE C 35 -26.49 11.64 5.21
CA MSE C 35 -27.71 11.42 4.43
C MSE C 35 -28.96 11.19 5.31
O MSE C 35 -30.07 11.48 4.88
CB MSE C 35 -27.52 10.28 3.42
CG MSE C 35 -27.45 8.88 4.06
SE MSE C 35 -27.66 7.29 2.88
CE MSE C 35 -29.44 7.65 2.17
N ILE C 36 -28.77 10.69 6.53
CA ILE C 36 -29.88 10.43 7.45
C ILE C 36 -30.48 11.73 7.93
N GLU C 37 -29.59 12.64 8.35
CA GLU C 37 -29.96 13.98 8.77
C GLU C 37 -30.61 14.72 7.60
N SER C 38 -30.12 14.40 6.40
CA SER C 38 -30.63 14.96 5.16
C SER C 38 -32.14 14.81 5.16
N GLN C 39 -32.60 13.65 5.62
CA GLN C 39 -34.01 13.30 5.55
C GLN C 39 -34.75 13.38 6.89
N LYS C 40 -34.05 13.80 7.94
CA LYS C 40 -34.73 14.20 9.16
C LYS C 40 -35.54 15.45 8.82
N GLU C 41 -34.97 16.28 7.96
CA GLU C 41 -35.59 17.53 7.53
C GLU C 41 -36.54 17.32 6.34
N MSE C 42 -36.42 16.19 5.67
CA MSE C 42 -37.31 15.85 4.56
C MSE C 42 -38.56 15.16 5.07
O MSE C 42 -39.43 14.76 4.29
CB MSE C 42 -36.59 14.94 3.56
CG MSE C 42 -35.49 15.62 2.76
SE MSE C 42 -36.03 16.00 0.94
CE MSE C 42 -36.46 14.20 0.34
N GLY C 43 -38.64 15.00 6.39
CA GLY C 43 -39.74 14.27 6.99
C GLY C 43 -39.55 12.77 6.77
N VAL C 46 -34.74 4.63 4.07
CA VAL C 46 -34.88 3.20 4.35
C VAL C 46 -34.45 2.88 5.79
N SER C 47 -35.19 3.41 6.76
CA SER C 47 -34.89 3.19 8.16
C SER C 47 -35.37 1.81 8.61
N LYS C 48 -35.50 1.63 9.93
CA LYS C 48 -35.96 0.38 10.49
C LYS C 48 -34.94 -0.75 10.56
N GLU C 49 -34.77 -1.45 9.45
CA GLU C 49 -33.83 -2.56 9.37
C GLU C 49 -32.46 -1.98 8.99
N PHE C 50 -32.39 -0.66 8.95
CA PHE C 50 -31.15 0.03 8.59
C PHE C 50 -30.49 0.63 9.82
N GLN C 51 -31.29 0.98 10.82
CA GLN C 51 -30.78 1.58 12.05
C GLN C 51 -30.08 0.53 12.92
N THR C 52 -30.52 -0.72 12.80
CA THR C 52 -29.88 -1.86 13.46
C THR C 52 -28.55 -2.10 12.74
N ALA C 53 -28.63 -2.12 11.41
CA ALA C 53 -27.45 -2.21 10.56
C ALA C 53 -26.40 -1.17 10.95
N LEU C 54 -26.79 0.09 10.84
CA LEU C 54 -25.87 1.20 11.09
C LEU C 54 -25.27 1.20 12.51
N GLY C 55 -26.08 0.90 13.52
CA GLY C 55 -25.59 0.90 14.88
C GLY C 55 -24.49 -0.10 15.15
N GLU C 56 -24.78 -1.38 14.86
CA GLU C 56 -23.82 -2.44 15.17
C GLU C 56 -22.60 -2.42 14.26
N ALA C 57 -22.66 -1.61 13.21
CA ALA C 57 -21.47 -1.28 12.43
C ALA C 57 -20.59 -0.31 13.25
N GLN C 58 -21.22 0.65 13.92
CA GLN C 58 -20.49 1.61 14.73
C GLN C 58 -19.88 0.98 15.99
N GLU C 59 -20.60 0.06 16.61
CA GLU C 59 -20.02 -0.78 17.65
C GLU C 59 -18.79 -1.49 17.09
N ALA C 60 -19.01 -2.30 16.04
CA ALA C 60 -17.94 -3.05 15.38
C ALA C 60 -16.70 -2.20 15.01
N THR C 61 -16.95 -1.04 14.42
CA THR C 61 -15.90 -0.13 14.00
C THR C 61 -15.11 0.45 15.16
N ASP C 62 -15.80 0.79 16.25
CA ASP C 62 -15.18 1.26 17.49
C ASP C 62 -14.28 0.19 18.08
N LEU C 63 -14.82 -1.02 18.20
CA LEU C 63 -14.07 -2.19 18.68
C LEU C 63 -12.78 -2.38 17.89
N TYR C 64 -12.88 -2.21 16.58
CA TYR C 64 -11.77 -2.39 15.66
C TYR C 64 -10.82 -1.20 15.80
N GLU C 65 -11.41 -0.03 16.02
CA GLU C 65 -10.64 1.17 16.34
C GLU C 65 -10.05 1.09 17.75
N ALA C 66 -10.56 0.16 18.54
CA ALA C 66 -9.99 -0.11 19.85
C ALA C 66 -8.73 -0.98 19.70
N SER C 67 -8.91 -2.14 19.08
CA SER C 67 -7.84 -3.11 18.87
C SER C 67 -6.60 -2.59 18.11
N ILE C 68 -6.81 -1.61 17.23
CA ILE C 68 -5.70 -0.99 16.54
C ILE C 68 -4.84 -0.21 17.52
N LYS C 69 -5.44 0.25 18.60
CA LYS C 69 -4.70 0.97 19.61
C LYS C 69 -3.91 -0.05 20.39
N LYS C 70 -4.62 -1.05 20.91
CA LYS C 70 -4.01 -2.19 21.62
C LYS C 70 -2.77 -2.75 20.90
N THR C 71 -2.85 -2.80 19.58
CA THR C 71 -1.77 -3.32 18.74
C THR C 71 -0.62 -2.32 18.69
N ASP C 72 -0.90 -1.10 18.23
CA ASP C 72 0.09 -0.04 18.21
C ASP C 72 0.81 0.02 19.55
N THR C 73 0.05 -0.16 20.61
CA THR C 73 0.60 -0.16 21.96
C THR C 73 1.43 -1.41 22.23
N ALA C 74 0.98 -2.58 21.75
CA ALA C 74 1.71 -3.83 21.94
C ALA C 74 3.04 -3.83 21.18
N LYS C 75 3.07 -3.15 20.05
CA LYS C 75 4.29 -3.06 19.25
C LYS C 75 5.29 -2.10 19.88
N SER C 76 4.75 -1.12 20.60
CA SER C 76 5.54 -0.12 21.31
C SER C 76 6.30 -0.82 22.43
N VAL C 77 5.56 -1.62 23.20
CA VAL C 77 6.07 -2.49 24.26
C VAL C 77 7.05 -3.52 23.69
N TYR C 78 6.67 -4.18 22.59
CA TYR C 78 7.55 -5.15 21.94
C TYR C 78 8.87 -4.51 21.47
N ASP C 79 8.79 -3.35 20.85
CA ASP C 79 10.02 -2.67 20.39
C ASP C 79 10.89 -2.10 21.53
N ALA C 80 10.25 -1.85 22.68
CA ALA C 80 10.94 -1.50 23.92
C ALA C 80 11.81 -2.68 24.36
N ALA C 81 11.16 -3.84 24.49
CA ALA C 81 11.81 -5.10 24.82
C ALA C 81 12.99 -5.41 23.89
N THR C 82 12.81 -5.15 22.60
CA THR C 82 13.87 -5.32 21.60
C THR C 82 15.06 -4.41 21.93
N LYS C 83 14.74 -3.23 22.47
CA LYS C 83 15.73 -2.20 22.71
C LYS C 83 16.44 -2.48 24.01
N LYS C 84 15.71 -3.00 24.98
CA LYS C 84 16.32 -3.44 26.23
C LYS C 84 17.36 -4.54 25.98
N LEU C 85 17.02 -5.52 25.12
CA LEU C 85 17.90 -6.66 24.80
C LEU C 85 19.17 -6.25 24.05
N THR C 86 19.06 -5.26 23.18
CA THR C 86 20.25 -4.76 22.50
C THR C 86 21.14 -3.84 23.37
N GLN C 87 20.52 -3.02 24.24
CA GLN C 87 21.27 -2.22 25.21
C GLN C 87 22.14 -3.11 26.11
N ALA C 88 21.84 -4.40 26.18
CA ALA C 88 22.61 -5.36 27.00
C ALA C 88 23.67 -6.09 26.17
N GLN C 89 23.40 -6.29 24.89
CA GLN C 89 24.44 -6.80 24.00
C GLN C 89 25.65 -5.90 24.13
N ASN C 90 25.39 -4.62 24.35
CA ASN C 90 26.43 -3.59 24.39
C ASN C 90 27.10 -3.49 25.76
N LYS C 91 26.36 -3.80 26.81
CA LYS C 91 26.97 -3.94 28.14
C LYS C 91 28.03 -5.02 28.05
N LEU C 92 27.66 -6.18 27.47
CA LEU C 92 28.63 -7.21 27.12
C LEU C 92 29.54 -6.73 25.98
N ALA C 103 29.51 -11.05 34.73
CA ALA C 103 28.38 -11.90 34.39
C ALA C 103 27.06 -11.55 35.11
N GLN C 104 27.02 -10.41 35.78
CA GLN C 104 25.77 -9.80 36.26
C GLN C 104 24.96 -9.33 35.05
N ALA C 105 25.68 -8.95 34.00
CA ALA C 105 25.13 -8.56 32.71
C ALA C 105 24.78 -9.78 31.87
N GLU C 106 24.78 -10.93 32.52
CA GLU C 106 24.65 -12.21 31.85
C GLU C 106 23.28 -12.77 32.13
N ALA C 107 22.73 -12.42 33.28
CA ALA C 107 21.35 -12.77 33.64
C ALA C 107 20.41 -11.73 33.03
N ALA C 108 20.99 -10.65 32.51
CA ALA C 108 20.22 -9.55 31.93
C ALA C 108 19.85 -9.80 30.47
N VAL C 109 20.80 -10.31 29.70
CA VAL C 109 20.52 -10.77 28.33
C VAL C 109 19.48 -11.90 28.36
N GLU C 110 19.46 -12.61 29.49
CA GLU C 110 18.57 -13.73 29.71
C GLU C 110 17.11 -13.29 29.85
N GLN C 111 16.87 -12.33 30.74
CA GLN C 111 15.53 -11.83 31.01
C GLN C 111 15.04 -10.84 29.94
N ALA C 112 15.99 -10.11 29.37
CA ALA C 112 15.69 -9.24 28.24
C ALA C 112 15.09 -10.05 27.09
N GLY C 113 15.68 -11.22 26.85
CA GLY C 113 15.19 -12.15 25.85
C GLY C 113 13.88 -12.79 26.24
N LYS C 114 13.70 -13.12 27.52
CA LYS C 114 12.42 -13.66 27.99
C LYS C 114 11.32 -12.64 27.72
N GLU C 115 11.55 -11.42 28.18
CA GLU C 115 10.66 -10.27 28.02
C GLU C 115 10.37 -9.90 26.57
N ALA C 116 11.34 -10.13 25.69
CA ALA C 116 11.24 -9.69 24.29
C ALA C 116 10.44 -10.67 23.39
N THR C 117 10.62 -11.96 23.60
CA THR C 117 9.77 -12.90 22.92
C THR C 117 8.40 -12.95 23.59
N GLU C 118 8.30 -12.56 24.87
CA GLU C 118 6.99 -12.48 25.53
C GLU C 118 6.16 -11.35 24.92
N ALA C 119 6.82 -10.23 24.66
CA ALA C 119 6.22 -9.10 23.94
C ALA C 119 5.78 -9.49 22.52
N LYS C 120 6.61 -10.23 21.81
CA LYS C 120 6.23 -10.77 20.52
C LYS C 120 4.98 -11.65 20.63
N GLU C 121 4.87 -12.42 21.72
CA GLU C 121 3.71 -13.30 21.94
C GLU C 121 2.42 -12.51 22.00
N ALA C 122 2.46 -11.39 22.72
CA ALA C 122 1.32 -10.48 22.87
C ALA C 122 1.09 -9.65 21.62
N LEU C 123 2.16 -9.20 20.97
CA LEU C 123 2.04 -8.48 19.70
C LEU C 123 1.22 -9.30 18.71
N ASP C 124 1.55 -10.59 18.63
CA ASP C 124 0.83 -11.54 17.80
C ASP C 124 -0.64 -11.62 18.15
N LYS C 125 -0.98 -11.94 19.40
CA LYS C 125 -2.40 -11.97 19.83
C LYS C 125 -3.13 -10.69 19.46
N ALA C 126 -2.55 -9.56 19.83
CA ALA C 126 -3.12 -8.24 19.55
C ALA C 126 -3.53 -8.05 18.09
N THR C 127 -2.61 -8.36 17.16
CA THR C 127 -2.87 -8.27 15.72
C THR C 127 -3.90 -9.31 15.21
N ASP C 128 -3.90 -10.50 15.79
CA ASP C 128 -4.92 -11.51 15.55
C ASP C 128 -6.33 -10.99 15.83
N ALA C 129 -6.50 -10.31 16.97
CA ALA C 129 -7.79 -9.76 17.37
C ALA C 129 -8.19 -8.50 16.58
N THR C 130 -7.20 -7.76 16.09
CA THR C 130 -7.47 -6.68 15.16
C THR C 130 -8.08 -7.24 13.85
N VAL C 131 -7.41 -8.21 13.22
CA VAL C 131 -7.96 -8.87 12.03
C VAL C 131 -9.39 -9.37 12.22
N LYS C 132 -9.67 -10.05 13.34
CA LYS C 132 -11.01 -10.56 13.66
C LYS C 132 -12.07 -9.47 13.72
N ALA C 133 -11.71 -8.42 14.45
CA ALA C 133 -12.55 -7.24 14.63
C ALA C 133 -12.71 -6.52 13.31
N GLY C 134 -11.61 -6.46 12.56
CA GLY C 134 -11.56 -5.79 11.27
C GLY C 134 -12.56 -6.36 10.30
N THR C 135 -12.81 -7.65 10.41
CA THR C 135 -13.64 -8.32 9.46
C THR C 135 -15.11 -8.28 9.89
N ASP C 136 -15.38 -8.38 11.19
CA ASP C 136 -16.73 -8.12 11.65
C ASP C 136 -17.13 -6.68 11.32
N ALA C 137 -16.21 -5.74 11.52
CA ALA C 137 -16.43 -4.33 11.16
C ALA C 137 -16.67 -4.06 9.66
N LYS C 138 -16.08 -4.88 8.78
CA LYS C 138 -16.34 -4.79 7.34
C LYS C 138 -17.56 -5.62 6.94
N ALA C 139 -17.70 -6.79 7.54
CA ALA C 139 -18.91 -7.58 7.37
C ALA C 139 -20.13 -6.70 7.63
N LYS C 140 -20.16 -6.08 8.83
CA LYS C 140 -21.28 -5.25 9.29
C LYS C 140 -21.56 -3.98 8.47
N ALA C 141 -20.51 -3.29 8.06
CA ALA C 141 -20.64 -2.11 7.20
C ALA C 141 -21.31 -2.43 5.83
N GLU C 142 -21.31 -3.68 5.42
CA GLU C 142 -21.84 -4.01 4.11
C GLU C 142 -23.15 -4.81 4.17
N LYS C 143 -23.50 -5.26 5.36
CA LYS C 143 -24.85 -5.74 5.63
C LYS C 143 -25.76 -4.52 5.73
N ALA C 144 -25.15 -3.37 5.99
CA ALA C 144 -25.85 -2.08 6.04
C ALA C 144 -26.03 -1.48 4.64
N ASP C 145 -25.00 -1.65 3.81
CA ASP C 145 -25.02 -1.21 2.43
C ASP C 145 -26.18 -1.93 1.72
N ASN C 146 -26.53 -3.10 2.26
CA ASN C 146 -27.58 -3.94 1.71
C ASN C 146 -28.90 -3.82 2.48
N GLY D 4 20.00 -5.17 8.28
CA GLY D 4 19.08 -5.29 9.40
C GLY D 4 17.94 -4.29 9.38
N GLN D 5 17.92 -3.44 8.36
CA GLN D 5 16.89 -2.43 8.22
C GLN D 5 15.89 -3.01 7.22
N LEU D 6 16.41 -3.59 6.14
CA LEU D 6 15.57 -4.17 5.11
C LEU D 6 14.51 -5.10 5.72
N THR D 7 14.93 -5.90 6.69
CA THR D 7 14.01 -6.83 7.35
C THR D 7 12.86 -6.08 8.01
N LEU D 8 13.19 -5.11 8.86
CA LEU D 8 12.18 -4.32 9.55
C LEU D 8 11.16 -3.83 8.52
N LEU D 9 11.67 -3.42 7.37
CA LEU D 9 10.85 -2.99 6.23
C LEU D 9 10.01 -4.09 5.57
N LEU D 10 10.40 -5.36 5.70
CA LEU D 10 9.57 -6.44 5.14
C LEU D 10 8.36 -6.79 6.01
N GLY D 11 8.51 -6.67 7.33
CA GLY D 11 7.41 -6.88 8.24
C GLY D 11 6.35 -5.81 8.09
N LYS D 12 6.80 -4.64 7.62
CA LYS D 12 5.91 -3.53 7.30
C LYS D 12 5.11 -3.86 6.04
N LEU D 13 5.79 -4.38 5.02
CA LEU D 13 5.13 -4.80 3.77
C LEU D 13 4.19 -6.01 3.93
N MSE D 14 4.40 -6.78 4.99
CA MSE D 14 3.56 -7.92 5.30
C MSE D 14 2.22 -7.51 5.89
O MSE D 14 1.21 -8.21 5.77
CB MSE D 14 4.28 -8.85 6.29
CG MSE D 14 5.44 -9.58 5.66
SE MSE D 14 4.87 -10.25 3.92
CE MSE D 14 4.00 -11.86 4.51
N THR D 15 2.24 -6.37 6.57
CA THR D 15 1.07 -5.87 7.29
C THR D 15 0.12 -5.24 6.28
N LEU D 16 0.70 -4.56 5.29
CA LEU D 16 -0.03 -3.92 4.20
C LEU D 16 -0.65 -4.95 3.27
N LEU D 17 0.17 -5.90 2.84
CA LEU D 17 -0.31 -7.00 2.03
C LEU D 17 -1.57 -7.61 2.65
N GLY D 18 -1.67 -7.60 3.97
CA GLY D 18 -2.82 -8.11 4.69
C GLY D 18 -4.02 -7.14 4.76
N ASP D 19 -3.76 -5.89 5.10
CA ASP D 19 -4.81 -4.88 5.19
C ASP D 19 -5.42 -4.50 3.84
N VAL D 20 -4.62 -4.52 2.78
CA VAL D 20 -5.05 -3.97 1.50
C VAL D 20 -5.36 -5.02 0.43
N SER D 21 -4.58 -6.10 0.44
CA SER D 21 -4.70 -7.10 -0.60
C SER D 21 -5.58 -8.21 -0.12
N LEU D 22 -5.18 -8.75 1.03
CA LEU D 22 -5.81 -9.94 1.56
C LEU D 22 -7.18 -9.59 2.08
N SER D 23 -7.25 -8.55 2.90
CA SER D 23 -8.47 -8.23 3.63
C SER D 23 -9.57 -7.75 2.69
N GLN D 24 -9.16 -7.10 1.59
CA GLN D 24 -10.11 -6.64 0.60
C GLN D 24 -10.61 -7.78 -0.32
N LEU D 25 -9.80 -8.83 -0.46
CA LEU D 25 -10.18 -10.09 -1.11
C LEU D 25 -11.19 -10.90 -0.30
N GLU D 26 -10.86 -11.15 0.97
CA GLU D 26 -11.70 -11.92 1.88
C GLU D 26 -13.09 -11.31 2.08
N SER D 27 -13.13 -9.99 2.14
CA SER D 27 -14.36 -9.20 2.28
C SER D 27 -15.21 -9.39 1.04
N ARG D 28 -14.62 -9.11 -0.12
CA ARG D 28 -15.31 -9.33 -1.36
C ARG D 28 -16.08 -10.67 -1.31
N LEU D 29 -15.41 -11.75 -0.93
CA LEU D 29 -16.01 -13.08 -0.94
C LEU D 29 -17.03 -13.32 0.18
N ALA D 30 -16.96 -12.53 1.25
CA ALA D 30 -17.87 -12.73 2.38
C ALA D 30 -19.22 -12.10 2.05
N VAL D 31 -19.15 -11.01 1.29
CA VAL D 31 -20.28 -10.32 0.72
C VAL D 31 -21.07 -11.29 -0.11
N TRP D 32 -20.38 -11.96 -1.03
CA TRP D 32 -20.99 -12.94 -1.92
C TRP D 32 -21.62 -14.13 -1.17
N GLN D 33 -20.95 -14.64 -0.14
CA GLN D 33 -21.46 -15.80 0.60
C GLN D 33 -22.73 -15.45 1.37
N ALA D 34 -22.80 -14.21 1.84
CA ALA D 34 -23.95 -13.73 2.59
C ALA D 34 -25.14 -13.31 1.70
N MSE D 35 -24.87 -13.02 0.43
CA MSE D 35 -25.93 -12.71 -0.50
C MSE D 35 -26.67 -13.98 -0.83
O MSE D 35 -27.82 -13.94 -1.30
CB MSE D 35 -25.33 -12.10 -1.76
CG MSE D 35 -26.27 -12.06 -2.95
SE MSE D 35 -25.75 -10.87 -4.38
CE MSE D 35 -27.12 -9.52 -4.13
N ILE D 36 -26.00 -15.11 -0.63
CA ILE D 36 -26.65 -16.41 -0.85
C ILE D 36 -27.97 -16.51 -0.06
N LYS D 48 -25.30 -21.70 -9.50
CA LYS D 48 -24.45 -22.88 -9.30
C LYS D 48 -23.08 -22.82 -10.01
N GLU D 49 -23.01 -22.30 -11.23
CA GLU D 49 -21.71 -22.01 -11.83
C GLU D 49 -21.03 -21.02 -10.89
N PHE D 50 -21.87 -20.18 -10.29
CA PHE D 50 -21.44 -19.24 -9.28
C PHE D 50 -20.82 -19.92 -8.05
N GLN D 51 -21.53 -20.89 -7.47
CA GLN D 51 -21.04 -21.51 -6.25
C GLN D 51 -19.72 -22.25 -6.46
N THR D 52 -19.46 -22.69 -7.70
CA THR D 52 -18.16 -23.30 -8.03
C THR D 52 -17.07 -22.23 -8.22
N ALA D 53 -17.32 -21.27 -9.12
CA ALA D 53 -16.51 -20.07 -9.22
C ALA D 53 -16.17 -19.43 -7.84
N LEU D 54 -17.20 -19.21 -7.02
CA LEU D 54 -17.00 -18.63 -5.71
C LEU D 54 -16.36 -19.61 -4.72
N GLY D 55 -16.65 -20.89 -4.87
CA GLY D 55 -15.97 -21.90 -4.07
C GLY D 55 -14.48 -21.83 -4.35
N GLU D 56 -14.11 -21.96 -5.61
CA GLU D 56 -12.72 -21.97 -6.05
C GLU D 56 -11.97 -20.76 -5.51
N ALA D 57 -12.61 -19.61 -5.61
CA ALA D 57 -12.06 -18.35 -5.14
C ALA D 57 -11.79 -18.37 -3.63
N GLN D 58 -12.76 -18.85 -2.83
CA GLN D 58 -12.60 -18.89 -1.37
C GLN D 58 -11.51 -19.89 -0.90
N GLU D 59 -11.30 -20.92 -1.71
CA GLU D 59 -10.20 -21.86 -1.53
C GLU D 59 -8.86 -21.10 -1.65
N ALA D 60 -8.69 -20.45 -2.79
CA ALA D 60 -7.49 -19.69 -3.13
C ALA D 60 -7.17 -18.62 -2.08
N THR D 61 -8.12 -17.74 -1.83
CA THR D 61 -8.02 -16.71 -0.82
C THR D 61 -7.60 -17.27 0.54
N ASP D 62 -7.83 -18.56 0.74
CA ASP D 62 -7.62 -19.20 2.02
C ASP D 62 -6.18 -19.67 2.12
N LEU D 63 -5.71 -20.21 1.00
CA LEU D 63 -4.33 -20.64 0.80
C LEU D 63 -3.38 -19.41 0.84
N TYR D 64 -3.92 -18.28 0.39
CA TYR D 64 -3.22 -16.99 0.35
C TYR D 64 -3.07 -16.41 1.74
N GLU D 65 -4.08 -16.59 2.58
CA GLU D 65 -3.96 -16.17 3.98
C GLU D 65 -2.93 -17.09 4.68
N ALA D 66 -3.07 -18.38 4.43
CA ALA D 66 -2.15 -19.39 4.92
C ALA D 66 -0.71 -19.10 4.49
N SER D 67 -0.55 -18.65 3.25
CA SER D 67 0.76 -18.38 2.69
C SER D 67 1.41 -17.15 3.32
N ILE D 68 0.58 -16.26 3.85
CA ILE D 68 1.06 -15.06 4.52
C ILE D 68 1.62 -15.42 5.89
N LYS D 69 0.97 -16.36 6.56
CA LYS D 69 1.41 -16.80 7.88
C LYS D 69 2.62 -17.73 7.81
N LYS D 70 2.87 -18.31 6.64
CA LYS D 70 3.98 -19.22 6.45
C LYS D 70 5.15 -18.29 6.17
N THR D 71 4.90 -17.28 5.34
CA THR D 71 5.91 -16.28 5.02
C THR D 71 6.24 -15.46 6.26
N ASP D 72 5.22 -15.19 7.08
CA ASP D 72 5.41 -14.45 8.32
C ASP D 72 6.25 -15.27 9.29
N THR D 73 5.94 -16.56 9.40
CA THR D 73 6.70 -17.46 10.27
C THR D 73 8.18 -17.54 9.88
N ALA D 74 8.46 -17.51 8.57
CA ALA D 74 9.80 -17.79 8.06
C ALA D 74 10.69 -16.57 8.13
N LYS D 75 10.08 -15.39 8.20
CA LYS D 75 10.81 -14.14 8.39
C LYS D 75 11.26 -14.04 9.84
N SER D 76 10.51 -14.62 10.76
CA SER D 76 10.91 -14.61 12.15
C SER D 76 12.05 -15.61 12.35
N VAL D 77 11.94 -16.75 11.69
CA VAL D 77 13.00 -17.74 11.71
C VAL D 77 14.26 -17.10 11.15
N TYR D 78 14.10 -16.42 10.03
CA TYR D 78 15.20 -15.74 9.38
C TYR D 78 15.83 -14.63 10.24
N ASP D 79 15.01 -13.91 11.00
CA ASP D 79 15.49 -12.85 11.86
C ASP D 79 16.35 -13.45 12.97
N ALA D 80 15.73 -14.21 13.85
CA ALA D 80 16.44 -14.90 14.90
C ALA D 80 17.73 -15.55 14.38
N ALA D 81 17.64 -16.20 13.24
CA ALA D 81 18.78 -16.95 12.74
C ALA D 81 19.97 -16.08 12.37
N THR D 82 19.73 -14.87 11.88
CA THR D 82 20.83 -13.97 11.52
C THR D 82 21.26 -13.07 12.66
N LYS D 83 20.39 -12.85 13.63
CA LYS D 83 20.79 -12.14 14.83
C LYS D 83 21.73 -13.01 15.66
N LYS D 84 21.62 -14.33 15.54
CA LYS D 84 22.55 -15.26 16.18
C LYS D 84 23.92 -15.29 15.48
N LEU D 85 23.92 -15.49 14.16
CA LEU D 85 25.17 -15.45 13.41
C LEU D 85 25.82 -14.09 13.53
N THR D 86 25.03 -13.09 13.91
CA THR D 86 25.60 -11.76 14.12
C THR D 86 26.41 -11.75 15.41
N GLN D 87 25.72 -11.94 16.52
CA GLN D 87 26.32 -11.81 17.84
C GLN D 87 27.38 -12.87 18.17
N ALA D 88 27.44 -13.92 17.35
CA ALA D 88 28.41 -14.99 17.56
C ALA D 88 29.56 -14.95 16.55
N GLN D 89 29.40 -14.16 15.49
CA GLN D 89 30.49 -13.91 14.54
C GLN D 89 31.37 -12.93 15.25
N ASN D 90 30.72 -12.14 16.11
CA ASN D 90 31.34 -11.23 17.07
C ASN D 90 32.44 -11.88 17.90
N LYS D 91 32.04 -12.83 18.74
CA LYS D 91 32.93 -13.47 19.68
C LYS D 91 34.12 -14.12 18.99
N ALA D 103 37.88 -22.38 19.76
CA ALA D 103 37.40 -23.59 19.10
C ALA D 103 35.88 -23.70 19.19
N GLN D 104 35.32 -23.21 20.29
CA GLN D 104 33.88 -23.24 20.52
C GLN D 104 33.18 -22.13 19.74
N ALA D 105 33.94 -21.11 19.35
CA ALA D 105 33.39 -19.99 18.60
C ALA D 105 33.46 -20.24 17.10
N GLU D 106 34.59 -20.75 16.62
CA GLU D 106 34.68 -21.25 15.24
C GLU D 106 33.51 -22.22 14.97
N ALA D 107 33.25 -23.08 15.96
CA ALA D 107 32.17 -24.06 15.95
C ALA D 107 30.79 -23.42 15.86
N ALA D 108 30.71 -22.19 16.36
CA ALA D 108 29.45 -21.52 16.56
C ALA D 108 29.04 -20.68 15.34
N VAL D 109 30.04 -20.13 14.66
CA VAL D 109 29.83 -19.38 13.43
C VAL D 109 29.40 -20.36 12.34
N GLU D 110 30.01 -21.54 12.38
CA GLU D 110 29.67 -22.66 11.50
C GLU D 110 28.17 -23.02 11.45
N GLN D 111 27.62 -23.48 12.56
CA GLN D 111 26.20 -23.76 12.64
C GLN D 111 25.33 -22.51 12.40
N ALA D 112 25.74 -21.36 12.91
CA ALA D 112 24.96 -20.15 12.77
C ALA D 112 24.81 -19.81 11.30
N GLY D 113 25.87 -20.06 10.56
CA GLY D 113 25.95 -19.79 9.14
C GLY D 113 25.09 -20.75 8.35
N LYS D 114 25.20 -22.05 8.65
CA LYS D 114 24.32 -23.04 8.02
C LYS D 114 22.85 -22.72 8.26
N GLU D 115 22.50 -22.42 9.51
CA GLU D 115 21.11 -22.17 9.93
C GLU D 115 20.56 -20.88 9.37
N ALA D 116 21.49 -19.96 9.09
CA ALA D 116 21.19 -18.66 8.44
C ALA D 116 21.03 -18.74 6.91
N THR D 117 21.81 -19.59 6.25
CA THR D 117 21.70 -19.76 4.81
C THR D 117 20.47 -20.58 4.44
N GLU D 118 20.12 -21.54 5.30
CA GLU D 118 18.90 -22.33 5.15
C GLU D 118 17.68 -21.44 5.31
N ALA D 119 17.63 -20.70 6.42
CA ALA D 119 16.51 -19.85 6.72
C ALA D 119 16.27 -18.87 5.59
N LYS D 120 17.36 -18.31 5.07
CA LYS D 120 17.31 -17.43 3.90
C LYS D 120 16.46 -18.06 2.80
N GLU D 121 16.93 -19.20 2.27
CA GLU D 121 16.21 -19.99 1.27
C GLU D 121 14.75 -20.21 1.67
N ALA D 122 14.53 -20.59 2.91
CA ALA D 122 13.19 -20.97 3.34
C ALA D 122 12.20 -19.82 3.19
N LEU D 123 12.68 -18.61 3.45
CA LEU D 123 11.86 -17.41 3.33
C LEU D 123 11.68 -17.03 1.87
N ASP D 124 12.73 -17.20 1.08
CA ASP D 124 12.63 -16.88 -0.33
C ASP D 124 11.54 -17.74 -0.95
N LYS D 125 11.62 -19.05 -0.71
CA LYS D 125 10.61 -19.99 -1.16
C LYS D 125 9.21 -19.68 -0.60
N ALA D 126 9.17 -19.29 0.67
CA ALA D 126 7.94 -18.88 1.34
C ALA D 126 7.30 -17.73 0.55
N THR D 127 8.02 -16.62 0.45
CA THR D 127 7.46 -15.46 -0.24
C THR D 127 7.01 -15.80 -1.64
N ASP D 128 7.87 -16.49 -2.39
CA ASP D 128 7.49 -16.92 -3.72
C ASP D 128 6.15 -17.63 -3.71
N ALA D 129 5.92 -18.45 -2.68
CA ALA D 129 4.67 -19.20 -2.54
C ALA D 129 3.45 -18.30 -2.28
N THR D 130 3.67 -17.17 -1.61
CA THR D 130 2.58 -16.24 -1.36
C THR D 130 2.28 -15.38 -2.58
N VAL D 131 3.32 -14.99 -3.31
CA VAL D 131 3.14 -14.20 -4.51
C VAL D 131 2.24 -14.94 -5.47
N LYS D 132 2.50 -16.23 -5.66
CA LYS D 132 1.66 -17.08 -6.49
C LYS D 132 0.22 -17.21 -5.97
N ALA D 133 0.07 -17.58 -4.70
CA ALA D 133 -1.25 -17.83 -4.10
C ALA D 133 -2.24 -16.67 -4.25
N GLY D 134 -1.73 -15.45 -4.12
CA GLY D 134 -2.55 -14.26 -4.23
C GLY D 134 -2.78 -13.84 -5.65
N THR D 135 -1.81 -14.04 -6.53
CA THR D 135 -2.05 -13.81 -7.96
C THR D 135 -3.16 -14.71 -8.46
N ASP D 136 -3.23 -15.92 -7.90
CA ASP D 136 -4.30 -16.87 -8.22
C ASP D 136 -5.63 -16.58 -7.50
N ALA D 137 -5.58 -16.25 -6.21
CA ALA D 137 -6.78 -15.90 -5.46
C ALA D 137 -7.41 -14.65 -6.04
N LYS D 138 -6.58 -13.79 -6.63
CA LYS D 138 -7.13 -12.59 -7.23
C LYS D 138 -7.91 -12.98 -8.49
N ALA D 139 -7.28 -13.82 -9.30
CA ALA D 139 -7.79 -14.22 -10.59
C ALA D 139 -9.06 -15.04 -10.47
N LYS D 140 -9.09 -15.91 -9.47
CA LYS D 140 -10.26 -16.74 -9.21
C LYS D 140 -11.43 -15.88 -8.70
N ALA D 141 -11.10 -14.76 -8.09
CA ALA D 141 -12.12 -13.80 -7.64
C ALA D 141 -12.77 -13.00 -8.78
N GLU D 142 -11.98 -12.61 -9.78
CA GLU D 142 -12.55 -11.96 -10.96
C GLU D 142 -13.48 -12.89 -11.74
N LYS D 143 -13.10 -14.16 -11.87
CA LYS D 143 -13.96 -15.15 -12.52
C LYS D 143 -15.38 -15.10 -11.97
N ALA D 144 -15.49 -15.32 -10.65
CA ALA D 144 -16.78 -15.35 -9.96
C ALA D 144 -17.55 -14.03 -10.07
N ASP D 145 -16.81 -12.93 -10.26
CA ASP D 145 -17.45 -11.63 -10.52
C ASP D 145 -18.21 -11.72 -11.82
N ASN D 146 -17.57 -12.29 -12.84
CA ASN D 146 -18.14 -12.36 -14.18
C ASN D 146 -19.06 -13.57 -14.37
N ILE D 147 -19.54 -14.09 -13.25
CA ILE D 147 -20.59 -15.09 -13.24
C ILE D 147 -21.96 -14.44 -12.99
#